data_2BK9
#
_entry.id   2BK9
#
_cell.length_a   41.752
_cell.length_b   55.835
_cell.length_c   56.163
_cell.angle_alpha   90.00
_cell.angle_beta   90.00
_cell.angle_gamma   90.00
#
_symmetry.space_group_name_H-M   'P 21 21 21'
#
loop_
_entity.id
_entity.type
_entity.pdbx_description
1 polymer CG9734-PA
2 non-polymer 'PROTOPORPHYRIN IX CONTAINING FE'
3 non-polymer '3-CYCLOHEXYL-1-PROPYLSULFONIC ACID'
4 non-polymer 'MAGNESIUM ION'
5 non-polymer 'CHLORIDE ION'
6 water water
#
_entity_poly.entity_id   1
_entity_poly.type   'polypeptide(L)'
_entity_poly.pdbx_seq_one_letter_code
;MNSDEVQLIKKTWEIPVATPTDSGAAILTQFFNRFPSNLEKFPFRDVPLEELSGNARFRAHAGRIIRVFDESIQVLGQDG
DLEKLDEIWTKIAVSHIPRTVSKESYNQLKGVILDVLTAASSLDESQAATWAKLVDHVYAIIFKAIDDDGNAK
;
_entity_poly.pdbx_strand_id   A
#
loop_
_chem_comp.id
_chem_comp.type
_chem_comp.name
_chem_comp.formula
CL non-polymer 'CHLORIDE ION' 'Cl -1'
CXS non-polymer '3-CYCLOHEXYL-1-PROPYLSULFONIC ACID' 'C9 H19 N O3 S'
HEM non-polymer 'PROTOPORPHYRIN IX CONTAINING FE' 'C34 H32 Fe N4 O4'
MG non-polymer 'MAGNESIUM ION' 'Mg 2'
#
# COMPACT_ATOMS: atom_id res chain seq x y z
N MET A 1 -7.36 17.23 -5.22
CA MET A 1 -7.54 16.28 -6.32
C MET A 1 -8.88 16.60 -6.96
N ASN A 2 -8.86 16.85 -8.26
CA ASN A 2 -10.07 17.29 -8.94
C ASN A 2 -10.97 16.10 -9.24
N SER A 3 -12.16 16.43 -9.73
CA SER A 3 -13.15 15.38 -9.84
C SER A 3 -12.74 14.36 -10.90
N ASP A 4 -12.07 14.81 -11.97
CA ASP A 4 -11.55 13.88 -12.96
C ASP A 4 -10.55 12.90 -12.34
N GLU A 5 -9.69 13.38 -11.47
CA GLU A 5 -8.67 12.57 -10.88
C GLU A 5 -9.28 11.51 -9.95
N VAL A 6 -10.23 11.89 -9.14
CA VAL A 6 -10.93 10.92 -8.30
C VAL A 6 -11.55 9.83 -9.13
N GLN A 7 -12.23 10.21 -10.19
CA GLN A 7 -12.90 9.24 -11.04
C GLN A 7 -11.86 8.32 -11.67
N LEU A 8 -10.76 8.87 -12.13
CA LEU A 8 -9.72 8.06 -12.72
C LEU A 8 -9.19 7.00 -11.76
N ILE A 9 -8.94 7.41 -10.53
CA ILE A 9 -8.48 6.46 -9.50
C ILE A 9 -9.55 5.36 -9.31
N LYS A 10 -10.78 5.76 -9.14
CA LYS A 10 -11.83 4.77 -8.92
C LYS A 10 -11.93 3.77 -10.05
N LYS A 11 -11.97 4.27 -11.27
CA LYS A 11 -12.19 3.40 -12.40
C LYS A 11 -10.96 2.50 -12.64
N THR A 12 -9.76 3.03 -12.57
CA THR A 12 -8.57 2.19 -12.79
C THR A 12 -8.34 1.20 -11.66
N TRP A 13 -8.78 1.51 -10.46
CA TRP A 13 -8.67 0.58 -9.35
C TRP A 13 -9.51 -0.68 -9.54
N GLU A 14 -10.60 -0.58 -10.31
CA GLU A 14 -11.49 -1.71 -10.48
C GLU A 14 -10.72 -2.94 -10.98
N ILE A 15 -9.72 -2.76 -11.83
CA ILE A 15 -9.01 -3.91 -12.39
C ILE A 15 -8.21 -4.66 -11.31
N PRO A 16 -7.23 -4.04 -10.64
CA PRO A 16 -6.44 -4.81 -9.65
C PRO A 16 -7.29 -5.25 -8.47
N VAL A 17 -8.28 -4.47 -8.04
CA VAL A 17 -9.04 -4.84 -6.88
C VAL A 17 -9.96 -6.02 -7.18
N ALA A 18 -10.21 -6.35 -8.45
CA ALA A 18 -11.00 -7.50 -8.80
C ALA A 18 -10.34 -8.78 -8.32
N THR A 19 -9.03 -8.78 -8.17
CA THR A 19 -8.26 -9.95 -7.76
C THR A 19 -7.35 -9.61 -6.59
N PRO A 20 -7.90 -9.43 -5.41
CA PRO A 20 -7.03 -9.05 -4.27
C PRO A 20 -5.89 -10.03 -4.02
N THR A 21 -6.14 -11.33 -4.18
CA THR A 21 -5.12 -12.31 -3.89
C THR A 21 -3.91 -12.10 -4.81
N ASP A 22 -4.13 -12.10 -6.09
CA ASP A 22 -3.01 -11.95 -7.03
C ASP A 22 -2.39 -10.58 -6.96
N SER A 23 -3.21 -9.54 -6.85
CA SER A 23 -2.71 -8.18 -6.87
C SER A 23 -1.86 -7.92 -5.62
N GLY A 24 -2.39 -8.33 -4.48
CA GLY A 24 -1.62 -8.20 -3.23
C GLY A 24 -0.36 -9.04 -3.26
N ALA A 25 -0.41 -10.23 -3.83
CA ALA A 25 0.78 -11.08 -3.90
C ALA A 25 1.82 -10.46 -4.83
N ALA A 26 1.39 -9.78 -5.89
CA ALA A 26 2.34 -9.11 -6.77
C ALA A 26 3.09 -8.01 -6.01
N ILE A 27 2.36 -7.23 -5.23
CA ILE A 27 2.96 -6.20 -4.41
C ILE A 27 3.94 -6.81 -3.42
N LEU A 28 3.48 -7.79 -2.64
CA LEU A 28 4.32 -8.23 -1.54
C LEU A 28 5.47 -9.11 -1.99
N THR A 29 5.28 -9.95 -3.00
CA THR A 29 6.43 -10.67 -3.52
C THR A 29 7.49 -9.71 -4.08
N GLN A 30 7.07 -8.64 -4.76
CA GLN A 30 8.03 -7.72 -5.31
C GLN A 30 8.77 -6.99 -4.19
N PHE A 31 8.03 -6.59 -3.18
CA PHE A 31 8.63 -5.96 -2.01
C PHE A 31 9.75 -6.84 -1.44
N PHE A 32 9.44 -8.11 -1.21
CA PHE A 32 10.43 -8.98 -0.60
C PHE A 32 11.55 -9.40 -1.56
N ASN A 33 11.24 -9.48 -2.85
CA ASN A 33 12.28 -9.79 -3.83
C ASN A 33 13.32 -8.70 -3.91
N ARG A 34 12.84 -7.45 -4.01
CA ARG A 34 13.76 -6.29 -4.11
C ARG A 34 14.40 -5.97 -2.75
N PHE A 35 13.64 -6.13 -1.68
CA PHE A 35 14.03 -5.64 -0.37
C PHE A 35 13.86 -6.76 0.67
N PRO A 36 14.67 -7.80 0.57
CA PRO A 36 14.49 -8.98 1.41
C PRO A 36 14.62 -8.80 2.90
N SER A 37 15.27 -7.74 3.34
CA SER A 37 15.38 -7.53 4.77
C SER A 37 14.00 -7.48 5.43
N ASN A 38 12.98 -7.01 4.69
CA ASN A 38 11.65 -6.86 5.24
C ASN A 38 11.00 -8.22 5.59
N LEU A 39 11.43 -9.30 4.95
CA LEU A 39 10.93 -10.60 5.30
C LEU A 39 11.09 -10.92 6.76
N GLU A 40 12.19 -10.46 7.34
CA GLU A 40 12.53 -10.83 8.70
C GLU A 40 11.53 -10.32 9.71
N LYS A 41 10.71 -9.34 9.35
CA LYS A 41 9.71 -8.81 10.26
C LYS A 41 8.53 -9.76 10.44
N PHE A 42 8.37 -10.73 9.53
CA PHE A 42 7.18 -11.59 9.48
C PHE A 42 7.49 -13.00 9.93
N PRO A 43 6.47 -13.73 10.38
CA PRO A 43 6.68 -15.12 10.81
C PRO A 43 7.06 -16.08 9.69
N PHE A 44 6.73 -15.68 8.47
CA PHE A 44 7.07 -16.42 7.28
C PHE A 44 8.43 -16.05 6.71
N ARG A 45 9.30 -15.45 7.54
CA ARG A 45 10.61 -15.03 7.10
C ARG A 45 11.43 -16.06 6.38
N ASP A 46 11.29 -17.33 6.72
CA ASP A 46 12.09 -18.38 6.09
C ASP A 46 11.39 -19.17 4.99
N VAL A 47 10.22 -18.73 4.57
CA VAL A 47 9.52 -19.38 3.47
C VAL A 47 10.23 -19.00 2.18
N PRO A 48 10.55 -19.99 1.34
CA PRO A 48 11.17 -19.69 0.05
C PRO A 48 10.38 -18.68 -0.78
N LEU A 49 11.07 -17.82 -1.53
CA LEU A 49 10.39 -16.78 -2.28
C LEU A 49 9.21 -17.33 -3.12
N GLU A 50 9.43 -18.42 -3.83
CA GLU A 50 8.42 -18.99 -4.71
C GLU A 50 7.23 -19.56 -3.98
N GLU A 51 7.39 -19.79 -2.68
CA GLU A 51 6.33 -20.34 -1.85
C GLU A 51 5.62 -19.30 -1.02
N LEU A 52 6.05 -18.03 -1.04
CA LEU A 52 5.43 -17.04 -0.19
C LEU A 52 3.93 -16.92 -0.41
N SER A 53 3.47 -16.92 -1.66
CA SER A 53 2.06 -16.69 -1.89
C SER A 53 1.18 -17.82 -1.40
N GLY A 54 1.78 -18.99 -1.10
CA GLY A 54 1.04 -20.06 -0.49
C GLY A 54 0.90 -19.97 1.00
N ASN A 55 1.54 -19.01 1.62
CA ASN A 55 1.54 -18.92 3.08
C ASN A 55 0.35 -18.07 3.52
N ALA A 56 -0.39 -18.57 4.48
CA ALA A 56 -1.61 -17.91 4.91
C ALA A 56 -1.40 -16.52 5.51
N ARG A 57 -0.32 -16.37 6.27
CA ARG A 57 -0.04 -15.07 6.83
C ARG A 57 0.44 -14.09 5.79
N PHE A 58 1.21 -14.55 4.80
CA PHE A 58 1.52 -13.70 3.68
C PHE A 58 0.26 -13.23 3.01
N ARG A 59 -0.64 -14.17 2.76
CA ARG A 59 -1.91 -13.83 2.08
C ARG A 59 -2.73 -12.84 2.86
N ALA A 60 -2.72 -12.95 4.18
CA ALA A 60 -3.44 -12.04 5.00
C ALA A 60 -2.88 -10.62 4.86
N HIS A 61 -1.55 -10.48 4.90
CA HIS A 61 -0.98 -9.13 4.78
C HIS A 61 -1.19 -8.55 3.39
N ALA A 62 -1.01 -9.41 2.37
CA ALA A 62 -1.23 -8.99 1.01
C ALA A 62 -2.65 -8.43 0.84
N GLY A 63 -3.61 -9.17 1.37
CA GLY A 63 -5.01 -8.79 1.30
C GLY A 63 -5.31 -7.53 2.08
N ARG A 64 -4.63 -7.32 3.21
CA ARG A 64 -4.77 -6.10 3.97
C ARG A 64 -4.36 -4.91 3.17
N ILE A 65 -3.24 -4.99 2.46
CA ILE A 65 -2.81 -3.83 1.68
C ILE A 65 -3.92 -3.48 0.67
N ILE A 66 -4.42 -4.47 -0.04
CA ILE A 66 -5.48 -4.20 -1.03
C ILE A 66 -6.74 -3.62 -0.36
N ARG A 67 -7.16 -4.21 0.74
CA ARG A 67 -8.39 -3.76 1.39
C ARG A 67 -8.27 -2.37 1.97
N VAL A 68 -7.12 -2.02 2.54
CA VAL A 68 -6.95 -0.69 3.08
C VAL A 68 -6.93 0.35 1.96
N PHE A 69 -6.26 0.06 0.85
CA PHE A 69 -6.40 0.94 -0.30
C PHE A 69 -7.83 1.03 -0.79
N ASP A 70 -8.56 -0.09 -0.79
CA ASP A 70 -9.94 -0.03 -1.24
C ASP A 70 -10.79 0.88 -0.33
N GLU A 71 -10.58 0.73 0.97
CA GLU A 71 -11.27 1.59 1.91
C GLU A 71 -10.99 3.07 1.69
N SER A 72 -9.74 3.35 1.37
CA SER A 72 -9.27 4.69 1.13
C SER A 72 -9.90 5.28 -0.12
N ILE A 73 -9.93 4.50 -1.18
CA ILE A 73 -10.45 4.97 -2.44
C ILE A 73 -11.95 5.22 -2.33
N GLN A 74 -12.63 4.42 -1.51
CA GLN A 74 -14.05 4.59 -1.32
C GLN A 74 -14.45 5.95 -0.80
N VAL A 75 -13.60 6.63 -0.03
CA VAL A 75 -13.97 7.90 0.57
C VAL A 75 -13.69 9.10 -0.31
N LEU A 76 -12.96 8.90 -1.39
CA LEU A 76 -12.53 10.05 -2.19
C LEU A 76 -13.65 10.86 -2.81
N GLY A 77 -13.44 12.18 -2.86
CA GLY A 77 -14.30 13.16 -3.51
C GLY A 77 -15.55 13.52 -2.79
N GLN A 78 -15.77 12.89 -1.61
CA GLN A 78 -16.95 13.16 -0.81
C GLN A 78 -16.60 13.72 0.52
N ASP A 79 -17.62 14.25 1.15
CA ASP A 79 -17.38 14.95 2.38
C ASP A 79 -16.76 14.02 3.37
N GLY A 80 -15.83 14.51 4.18
CA GLY A 80 -15.15 13.72 5.17
C GLY A 80 -13.96 12.96 4.65
N ASP A 81 -13.61 13.14 3.41
CA ASP A 81 -12.51 12.40 2.81
C ASP A 81 -11.20 12.57 3.57
N LEU A 82 -10.77 13.81 3.81
CA LEU A 82 -9.48 14.05 4.43
C LEU A 82 -9.43 13.45 5.84
N GLU A 83 -10.53 13.63 6.56
CA GLU A 83 -10.66 13.08 7.90
C GLU A 83 -10.59 11.55 7.90
N LYS A 84 -11.32 10.94 6.99
CA LYS A 84 -11.36 9.49 6.95
C LYS A 84 -10.00 8.92 6.53
N LEU A 85 -9.31 9.56 5.59
CA LEU A 85 -7.96 9.11 5.24
C LEU A 85 -7.00 9.24 6.41
N ASP A 86 -7.10 10.36 7.13
CA ASP A 86 -6.23 10.57 8.27
C ASP A 86 -6.47 9.45 9.29
N GLU A 87 -7.74 9.10 9.52
CA GLU A 87 -8.05 8.04 10.45
C GLU A 87 -7.46 6.72 10.00
N ILE A 88 -7.75 6.33 8.77
CA ILE A 88 -7.30 5.05 8.24
C ILE A 88 -5.78 4.93 8.42
N TRP A 89 -5.07 5.91 7.91
CA TRP A 89 -3.62 5.77 7.74
C TRP A 89 -2.85 6.06 9.03
N THR A 90 -3.42 6.86 9.93
CA THR A 90 -2.82 6.99 11.24
C THR A 90 -2.86 5.66 11.97
N LYS A 91 -3.97 4.95 11.82
CA LYS A 91 -4.11 3.65 12.47
C LYS A 91 -3.12 2.65 11.85
N ILE A 92 -2.98 2.64 10.54
CA ILE A 92 -1.98 1.78 9.93
C ILE A 92 -0.59 2.10 10.47
N ALA A 93 -0.24 3.37 10.55
CA ALA A 93 1.09 3.77 11.01
C ALA A 93 1.31 3.26 12.44
N VAL A 94 0.34 3.52 13.29
CA VAL A 94 0.54 3.14 14.68
C VAL A 94 0.59 1.62 14.80
N SER A 95 -0.15 0.90 14.00
CA SER A 95 -0.13 -0.57 14.05
C SER A 95 1.24 -1.16 13.75
N HIS A 96 2.10 -0.47 13.03
CA HIS A 96 3.41 -1.00 12.69
C HIS A 96 4.51 -0.57 13.65
N ILE A 97 4.23 0.34 14.58
CA ILE A 97 5.26 0.79 15.54
C ILE A 97 5.90 -0.38 16.27
N PRO A 98 5.14 -1.40 16.68
CA PRO A 98 5.73 -2.57 17.34
C PRO A 98 6.59 -3.44 16.45
N ARG A 99 6.65 -3.16 15.17
CA ARG A 99 7.45 -3.89 14.24
C ARG A 99 8.57 -3.03 13.64
N THR A 100 8.76 -1.81 14.13
CA THR A 100 9.75 -0.86 13.67
C THR A 100 9.90 -0.89 12.16
N VAL A 101 8.81 -0.63 11.47
CA VAL A 101 8.78 -0.46 10.03
C VAL A 101 9.24 0.96 9.71
N SER A 102 10.41 1.09 9.12
CA SER A 102 11.05 2.36 8.93
C SER A 102 10.41 3.13 7.80
N LYS A 103 10.74 4.43 7.73
CA LYS A 103 10.31 5.18 6.58
C LYS A 103 10.92 4.63 5.28
N GLU A 104 12.18 4.16 5.33
CA GLU A 104 12.75 3.52 4.19
C GLU A 104 11.94 2.29 3.75
N SER A 105 11.53 1.47 4.71
CA SER A 105 10.71 0.31 4.37
C SER A 105 9.40 0.71 3.73
N TYR A 106 8.68 1.68 4.29
CA TYR A 106 7.49 2.19 3.67
C TYR A 106 7.79 2.70 2.24
N ASN A 107 8.87 3.45 2.06
CA ASN A 107 9.20 3.99 0.75
C ASN A 107 9.56 2.87 -0.24
N GLN A 108 10.18 1.79 0.24
CA GLN A 108 10.40 0.61 -0.56
C GLN A 108 9.05 0.05 -1.08
N LEU A 109 8.08 -0.08 -0.18
CA LEU A 109 6.78 -0.59 -0.56
C LEU A 109 6.08 0.36 -1.52
N LYS A 110 6.26 1.64 -1.30
CA LYS A 110 5.57 2.67 -2.09
C LYS A 110 5.85 2.50 -3.58
N GLY A 111 7.13 2.38 -3.92
CA GLY A 111 7.49 2.26 -5.30
C GLY A 111 6.96 0.99 -5.91
N VAL A 112 6.90 -0.07 -5.12
CA VAL A 112 6.39 -1.37 -5.59
C VAL A 112 4.90 -1.31 -5.80
N ILE A 113 4.15 -0.67 -4.91
CA ILE A 113 2.70 -0.50 -5.13
C ILE A 113 2.44 0.23 -6.43
N LEU A 114 3.13 1.35 -6.63
CA LEU A 114 2.91 2.12 -7.84
C LEU A 114 3.31 1.35 -9.09
N ASP A 115 4.37 0.56 -9.01
CA ASP A 115 4.78 -0.28 -10.10
C ASP A 115 3.69 -1.31 -10.45
N VAL A 116 3.16 -1.98 -9.44
CA VAL A 116 2.16 -3.01 -9.66
C VAL A 116 0.90 -2.41 -10.28
N LEU A 117 0.42 -1.29 -9.75
CA LEU A 117 -0.80 -0.66 -10.23
C LEU A 117 -0.63 -0.13 -11.64
N THR A 118 0.54 0.44 -11.93
CA THR A 118 0.81 0.96 -13.23
C THR A 118 0.69 -0.14 -14.28
N ALA A 119 1.26 -1.30 -13.99
CA ALA A 119 1.16 -2.42 -14.90
C ALA A 119 -0.25 -2.97 -14.94
N ALA A 120 -0.86 -3.20 -13.79
CA ALA A 120 -2.15 -3.87 -13.74
C ALA A 120 -3.22 -3.10 -14.51
N SER A 121 -3.23 -1.77 -14.40
CA SER A 121 -4.24 -0.95 -15.06
C SER A 121 -3.72 -0.23 -16.27
N SER A 122 -2.51 -0.55 -16.70
CA SER A 122 -1.91 0.07 -17.89
C SER A 122 -1.99 1.57 -17.81
N LEU A 123 -1.48 2.12 -16.69
CA LEU A 123 -1.55 3.56 -16.46
C LEU A 123 -0.54 4.27 -17.31
N ASP A 124 -0.97 5.34 -17.99
CA ASP A 124 -0.04 6.22 -18.66
C ASP A 124 0.64 7.12 -17.62
N GLU A 125 1.58 7.95 -18.06
CA GLU A 125 2.32 8.72 -17.09
C GLU A 125 1.44 9.64 -16.29
N SER A 126 0.47 10.29 -16.92
CA SER A 126 -0.41 11.21 -16.22
C SER A 126 -1.26 10.47 -15.20
N GLN A 127 -1.78 9.30 -15.59
CA GLN A 127 -2.61 8.49 -14.70
C GLN A 127 -1.80 7.97 -13.53
N ALA A 128 -0.58 7.55 -13.80
CA ALA A 128 0.33 7.09 -12.74
C ALA A 128 0.63 8.24 -11.79
N ALA A 129 0.79 9.47 -12.30
CA ALA A 129 1.01 10.61 -11.45
C ALA A 129 -0.17 10.89 -10.54
N THR A 130 -1.37 10.69 -11.02
CA THR A 130 -2.55 10.88 -10.19
C THR A 130 -2.53 9.88 -9.02
N TRP A 131 -2.22 8.63 -9.34
CA TRP A 131 -2.07 7.62 -8.30
C TRP A 131 -0.96 7.99 -7.31
N ALA A 132 0.18 8.46 -7.81
CA ALA A 132 1.26 8.86 -6.92
C ALA A 132 0.83 9.99 -6.01
N LYS A 133 -0.03 10.89 -6.47
CA LYS A 133 -0.54 11.94 -5.59
C LYS A 133 -1.36 11.36 -4.43
N LEU A 134 -2.19 10.36 -4.69
CA LEU A 134 -2.93 9.71 -3.64
C LEU A 134 -1.98 9.01 -2.67
N VAL A 135 -1.05 8.24 -3.20
CA VAL A 135 -0.14 7.54 -2.35
C VAL A 135 0.74 8.49 -1.53
N ASP A 136 1.22 9.55 -2.13
CA ASP A 136 1.99 10.52 -1.38
C ASP A 136 1.18 11.14 -0.27
N HIS A 137 -0.10 11.40 -0.49
CA HIS A 137 -0.97 11.93 0.55
C HIS A 137 -1.05 11.01 1.71
N VAL A 138 -1.32 9.74 1.43
CA VAL A 138 -1.46 8.83 2.54
C VAL A 138 -0.12 8.59 3.26
N TYR A 139 0.97 8.63 2.53
CA TYR A 139 2.31 8.52 3.16
C TYR A 139 2.59 9.72 4.05
N ALA A 140 2.11 10.91 3.69
CA ALA A 140 2.23 12.06 4.58
C ALA A 140 1.59 11.76 5.92
N ILE A 141 0.43 11.08 5.90
CA ILE A 141 -0.26 10.74 7.09
C ILE A 141 0.55 9.74 7.93
N ILE A 142 1.05 8.68 7.28
CA ILE A 142 1.87 7.71 7.99
C ILE A 142 3.03 8.42 8.66
N PHE A 143 3.71 9.26 7.89
CA PHE A 143 5.02 9.78 8.31
C PHE A 143 4.94 10.86 9.37
N LYS A 144 3.76 11.43 9.60
CA LYS A 144 3.59 12.32 10.75
C LYS A 144 3.29 11.53 12.02
N ALA A 145 3.27 10.20 11.97
CA ALA A 145 3.03 9.38 13.13
C ALA A 145 4.24 8.59 13.62
N ILE A 146 5.37 8.59 12.90
CA ILE A 146 6.54 7.79 13.24
C ILE A 146 7.79 8.59 13.01
N ASP A 147 8.85 8.15 13.69
CA ASP A 147 10.19 8.60 13.40
C ASP A 147 10.77 7.84 12.20
N ASP A 148 11.98 8.19 11.81
CA ASP A 148 12.54 7.59 10.61
C ASP A 148 12.63 6.06 10.76
N ASP A 149 12.82 5.53 11.97
CA ASP A 149 12.99 4.10 12.19
C ASP A 149 11.70 3.36 12.44
N GLY A 150 10.57 4.08 12.45
CA GLY A 150 9.30 3.44 12.71
C GLY A 150 8.83 3.37 14.12
N ASN A 151 9.51 4.05 15.03
CA ASN A 151 9.02 4.18 16.37
C ASN A 151 7.99 5.30 16.47
N ALA A 152 7.29 5.34 17.57
CA ALA A 152 6.48 6.50 17.86
C ALA A 152 7.37 7.74 17.91
N LYS A 153 6.84 8.90 17.58
CA LYS A 153 7.67 10.11 17.61
C LYS A 153 8.31 10.43 18.95
CHA HEM B . 0.65 -6.05 10.03
CHB HEM B . -1.38 -3.14 6.80
CHC HEM B . 2.97 -2.04 5.20
CHD HEM B . 4.96 -5.27 8.08
C1A HEM B . -0.25 -5.30 9.33
C2A HEM B . -1.67 -5.16 9.68
C3A HEM B . -2.26 -4.32 8.79
C4A HEM B . -1.23 -3.96 7.87
CMA HEM B . -3.71 -3.82 8.67
CAA HEM B . -2.32 -5.86 10.87
CBA HEM B . -1.97 -5.14 12.18
CGA HEM B . -2.54 -5.97 13.29
O1A HEM B . -1.93 -7.01 13.68
O2A HEM B . -3.61 -5.60 13.81
C1B HEM B . -0.38 -2.61 6.03
C2B HEM B . -0.57 -1.59 5.04
C3B HEM B . 0.66 -1.29 4.58
C4B HEM B . 1.63 -2.04 5.32
CMB HEM B . -1.91 -1.04 4.62
CAB HEM B . 1.05 -0.24 3.60
CBB HEM B . 0.33 0.14 2.56
C1C HEM B . 3.90 -2.80 5.82
C2C HEM B . 5.34 -2.75 5.64
C3C HEM B . 5.90 -3.68 6.40
C4C HEM B . 4.83 -4.33 7.11
CMC HEM B . 6.05 -1.74 4.73
CAC HEM B . 7.38 -3.98 6.47
CBC HEM B . 7.96 -5.13 6.74
C1D HEM B . 3.98 -5.79 8.85
C2D HEM B . 4.18 -6.68 9.92
C3D HEM B . 2.91 -6.93 10.50
C4D HEM B . 1.99 -6.13 9.74
CMD HEM B . 5.51 -7.31 10.33
CAD HEM B . 2.64 -7.84 11.67
CBD HEM B . 2.51 -9.27 11.27
CGD HEM B . 2.27 -10.20 12.41
O1D HEM B . 2.31 -11.44 12.20
O2D HEM B . 2.03 -9.73 13.54
NA HEM B . -0.01 -4.54 8.24
NB HEM B . 0.99 -2.89 6.20
NC HEM B . 3.62 -3.78 6.74
ND HEM B . 2.65 -5.46 8.77
FE HEM B . 1.80 -4.19 7.49
HHB HEM B . -2.28 -3.12 6.40
HHC HEM B . 3.31 -1.47 4.48
HHD HEM B . 5.87 -5.37 8.44
HMA HEM B . -4.14 -4.25 7.91
HMAA HEM B . -3.71 -2.85 8.55
HMAB HEM B . -4.20 -4.04 9.49
HAA HEM B . -2.01 -6.78 10.92
HAAA HEM B . -3.28 -5.86 10.76
HBA HEM B . -2.36 -4.26 12.18
HBAA HEM B . -1.00 -5.08 12.27
HMB HEM B . -2.31 -1.63 3.96
HMBA HEM B . -1.80 -0.16 4.25
HMBB HEM B . -2.49 -0.98 5.40
HAB HEM B . 1.87 0.23 3.77
HBB HEM B . 0.53 0.98 2.13
HBBA HEM B . -0.38 -0.42 2.23
HMC HEM B . 6.08 -2.10 3.83
HMCA HEM B . 6.95 -1.59 5.05
HMCB HEM B . 5.56 -0.90 4.73
HAC HEM B . 7.96 -3.22 6.36
HBC HEM B . 8.92 -5.16 6.85
HBCA HEM B . 7.42 -5.93 6.83
HMD HEM B . 6.02 -7.53 9.52
HMDA HEM B . 5.34 -8.12 10.85
HMDB HEM B . 6.01 -6.67 10.87
HAD HEM B . 1.81 -7.56 12.12
HADA HEM B . 3.37 -7.75 12.30
HBD HEM B . 3.33 -9.54 10.81
HBDA HEM B . 1.77 -9.35 10.64
HHA HEM B . 0.29 -6.79 10.56
S CXS C . -4.52 18.84 2.25
O1 CXS C . -3.13 18.71 2.76
O2 CXS C . -4.84 20.30 2.13
O3 CXS C . -5.29 18.03 3.21
C1 CXS C . -4.55 17.98 0.81
C2 CXS C . -5.49 18.62 -0.22
C3 CXS C . -6.33 17.55 -0.91
N CXS C . -5.53 16.50 -1.52
C4 CXS C . -5.81 15.08 -1.30
C5 CXS C . -7.28 14.74 -1.39
C6 CXS C . -7.47 13.28 -1.03
C7 CXS C . -6.75 12.39 -2.03
C8 CXS C . -5.28 12.75 -2.19
C9 CXS C . -5.04 14.25 -2.34
H11 CXS C . -4.86 16.96 1.02
H12 CXS C . -3.54 17.95 0.40
H21 CXS C . -4.90 19.15 -0.96
H22 CXS C . -6.16 19.33 0.26
H31 CXS C . -6.94 18.02 -1.68
H32 CXS C . -7.00 17.13 -0.17
HN CXS C . -4.76 16.76 -2.12
H4 CXS C . -5.44 14.81 -0.29
H51 CXS C . -7.64 14.92 -2.40
H52 CXS C . -7.87 15.35 -0.71
H61 CXS C . -8.53 13.04 -1.02
H62 CXS C . -7.07 13.10 -0.03
H71 CXS C . -7.26 12.46 -2.99
H72 CXS C . -6.83 11.35 -1.70
H81 CXS C . -4.89 12.25 -3.07
H82 CXS C . -4.73 12.39 -1.33
H91 CXS C . -5.35 14.57 -3.34
H92 CXS C . -3.98 14.46 -2.25
MG MG D . 12.82 8.23 17.74
MG MG E . 14.99 0.94 18.79
CL CL F . 16.84 -5.41 1.81
#